data_1N7M
#
_entry.id   1N7M
#
_cell.length_a   55.274
_cell.length_b   76.236
_cell.length_c   60.435
_cell.angle_alpha   90.00
_cell.angle_beta   93.33
_cell.angle_gamma   90.00
#
_symmetry.space_group_name_H-M   'P 1 21 1'
#
loop_
_entity.id
_entity.type
_entity.pdbx_description
1 polymer 'Germline Metal Chelatase Catalytic Antibody, chain H'
2 polymer 'Germline Metal Chelatase Catalytic Antibody, chain L'
3 non-polymer N-METHYLMESOPORPHYRIN
4 water water
#
loop_
_entity_poly.entity_id
_entity_poly.type
_entity_poly.pdbx_seq_one_letter_code
_entity_poly.pdbx_strand_id
1 'polypeptide(L)'
;ELVMTQTPKFMSTSVGDRVSITCKASQNVGTAVAWYQQKPGQSPKLLIYSASNRYTGVPDRFTGSGSGTDFTLTISNMQS
EDLADYFCQQYSSYPLTFGGGTKVEIKRTVAAPSVFIFPPSDEQLKSGTASVVCLLNNFYPREAKVQWKVDNALQSGNSQ
ESVTEQDSKDSTYSLSSTLTLSKADYEKHKVYACEVTHQGLSSPVTKSFNRGE
;
H
2 'polypeptide(L)'
;QVQLLESGAELVKPGASVKLSCKASGYTFTSYWMHWVKQRPGRGLEWIGRIDPNSGGTKYNEKFKSKATLTVDKPSSTAY
MQLSSLTSEDSAVYYCTRRDSDYWGAGTTVTVSSASTKGPSVFPLAPSSKSTSGGTAALGCLVKDYFPEPVTVSWNSGAL
TSGVHTFPAVLQSSGLYSLSSVVTVPSSSLGTQTYICNVNHKPSNTKVDKKVEPKS
;
L
#
loop_
_chem_comp.id
_chem_comp.type
_chem_comp.name
_chem_comp.formula
MMP non-polymer N-METHYLMESOPORPHYRIN 'C35 H40 N4 O4'
#
# COMPACT_ATOMS: atom_id res chain seq x y z
N GLU A 1 7.68 25.22 -2.71
CA GLU A 1 7.52 24.51 -4.01
C GLU A 1 6.08 24.66 -4.47
N LEU A 2 5.86 24.48 -5.76
CA LEU A 2 4.51 24.57 -6.32
C LEU A 2 3.76 23.29 -5.96
N VAL A 3 2.67 23.43 -5.22
CA VAL A 3 1.87 22.29 -4.81
C VAL A 3 0.70 22.01 -5.77
N MET A 4 0.59 20.76 -6.19
CA MET A 4 -0.47 20.33 -7.08
C MET A 4 -1.47 19.56 -6.24
N THR A 5 -2.68 20.11 -6.11
CA THR A 5 -3.71 19.46 -5.31
C THR A 5 -4.63 18.67 -6.22
N GLN A 6 -4.62 17.36 -6.03
CA GLN A 6 -5.41 16.46 -6.85
C GLN A 6 -6.62 15.91 -6.13
N THR A 7 -7.76 16.00 -6.81
CA THR A 7 -9.02 15.49 -6.29
C THR A 7 -9.77 14.79 -7.42
N PRO A 8 -10.52 13.72 -7.09
CA PRO A 8 -10.70 13.12 -5.76
C PRO A 8 -9.59 12.12 -5.49
N LYS A 9 -9.42 11.77 -4.22
CA LYS A 9 -8.41 10.79 -3.82
C LYS A 9 -8.81 9.42 -4.35
N PHE A 10 -10.12 9.15 -4.33
CA PHE A 10 -10.68 7.90 -4.81
C PHE A 10 -11.92 8.22 -5.64
N MET A 11 -12.20 7.36 -6.62
CA MET A 11 -13.36 7.54 -7.48
C MET A 11 -13.81 6.19 -8.02
N SER A 12 -15.04 5.79 -7.71
CA SER A 12 -15.56 4.52 -8.21
C SER A 12 -16.43 4.78 -9.42
N THR A 13 -16.33 3.90 -10.41
CA THR A 13 -17.09 4.07 -11.64
C THR A 13 -17.58 2.74 -12.19
N SER A 14 -18.45 2.84 -13.19
CA SER A 14 -18.99 1.66 -13.86
C SER A 14 -18.51 1.74 -15.31
N VAL A 15 -18.32 0.59 -15.94
CA VAL A 15 -17.86 0.57 -17.33
C VAL A 15 -18.70 1.50 -18.20
N GLY A 16 -18.02 2.32 -18.99
CA GLY A 16 -18.72 3.25 -19.85
C GLY A 16 -18.90 4.65 -19.29
N ASP A 17 -18.69 4.81 -17.98
CA ASP A 17 -18.84 6.11 -17.33
C ASP A 17 -17.71 7.06 -17.70
N ARG A 18 -17.95 8.33 -17.39
CA ARG A 18 -16.96 9.36 -17.64
C ARG A 18 -16.28 9.61 -16.30
N VAL A 19 -14.95 9.65 -16.31
CA VAL A 19 -14.19 9.89 -15.09
C VAL A 19 -13.55 11.26 -15.25
N SER A 20 -13.66 12.08 -14.22
CA SER A 20 -13.08 13.42 -14.27
C SER A 20 -12.17 13.61 -13.06
N ILE A 21 -10.90 13.90 -13.34
CA ILE A 21 -9.91 14.10 -12.29
C ILE A 21 -9.34 15.50 -12.39
N THR A 22 -9.21 16.16 -11.24
CA THR A 22 -8.73 17.55 -11.21
C THR A 22 -7.42 17.78 -10.46
N CYS A 23 -6.61 18.70 -10.99
CA CYS A 23 -5.37 19.10 -10.34
C CYS A 23 -5.31 20.61 -10.36
N LYS A 24 -5.18 21.19 -9.17
CA LYS A 24 -5.12 22.63 -9.01
C LYS A 24 -3.70 23.00 -8.56
N ALA A 25 -3.10 23.97 -9.23
CA ALA A 25 -1.76 24.42 -8.91
C ALA A 25 -1.78 25.62 -7.97
N SER A 26 -0.86 25.65 -7.01
CA SER A 26 -0.78 26.74 -6.04
C SER A 26 -0.40 28.05 -6.73
N GLN A 27 0.17 27.93 -7.92
CA GLN A 27 0.57 29.09 -8.73
C GLN A 27 0.58 28.67 -10.20
N ASN A 28 0.47 29.65 -11.09
CA ASN A 28 0.44 29.39 -12.53
C ASN A 28 1.60 28.52 -13.04
N VAL A 29 1.25 27.48 -13.79
CA VAL A 29 2.25 26.58 -14.37
C VAL A 29 2.06 26.49 -15.88
N GLY A 30 1.37 27.48 -16.45
CA GLY A 30 1.12 27.49 -17.89
C GLY A 30 0.40 26.22 -18.33
N THR A 31 1.00 25.51 -19.29
CA THR A 31 0.42 24.25 -19.74
C THR A 31 1.45 23.13 -19.57
N ALA A 32 2.42 23.36 -18.70
CA ALA A 32 3.45 22.36 -18.44
C ALA A 32 2.97 21.38 -17.36
N VAL A 33 2.00 20.55 -17.75
CA VAL A 33 1.44 19.56 -16.84
C VAL A 33 1.30 18.24 -17.59
N ALA A 34 1.61 17.16 -16.90
CA ALA A 34 1.51 15.84 -17.51
C ALA A 34 0.59 14.99 -16.65
N TRP A 35 0.03 13.96 -17.27
CA TRP A 35 -0.84 13.04 -16.54
C TRP A 35 -0.31 11.63 -16.74
N TYR A 36 -0.35 10.82 -15.69
CA TYR A 36 0.15 9.45 -15.75
C TYR A 36 -0.83 8.46 -15.20
N GLN A 37 -0.68 7.21 -15.63
CA GLN A 37 -1.50 6.12 -15.14
C GLN A 37 -0.52 5.14 -14.48
N GLN A 38 -0.92 4.53 -13.38
CA GLN A 38 -0.03 3.56 -12.73
C GLN A 38 -0.81 2.41 -12.13
N LYS A 39 -0.42 1.20 -12.49
CA LYS A 39 -1.05 0.00 -11.96
C LYS A 39 -0.07 -0.65 -10.98
N PRO A 40 -0.56 -1.47 -10.05
CA PRO A 40 0.30 -2.12 -9.06
C PRO A 40 1.52 -2.83 -9.62
N GLY A 41 2.66 -2.60 -8.98
CA GLY A 41 3.91 -3.24 -9.40
C GLY A 41 4.53 -2.72 -10.68
N GLN A 42 4.00 -1.61 -11.21
CA GLN A 42 4.52 -1.05 -12.45
C GLN A 42 4.89 0.41 -12.30
N SER A 43 5.71 0.92 -13.21
CA SER A 43 6.10 2.31 -13.17
C SER A 43 4.97 3.11 -13.78
N PRO A 44 4.95 4.42 -13.57
CA PRO A 44 3.89 5.23 -14.15
C PRO A 44 4.04 5.16 -15.67
N LYS A 45 2.95 5.43 -16.38
CA LYS A 45 2.94 5.45 -17.84
C LYS A 45 2.42 6.83 -18.25
N LEU A 46 3.13 7.49 -19.17
CA LEU A 46 2.74 8.82 -19.61
C LEU A 46 1.47 8.79 -20.45
N LEU A 47 0.49 9.62 -20.09
CA LEU A 47 -0.77 9.68 -20.84
C LEU A 47 -0.87 10.95 -21.65
N ILE A 48 -0.67 12.07 -20.95
CA ILE A 48 -0.78 13.39 -21.57
C ILE A 48 0.36 14.31 -21.14
N TYR A 49 0.81 15.17 -22.05
CA TYR A 49 1.84 16.14 -21.71
C TYR A 49 1.40 17.48 -22.28
N SER A 50 2.05 18.56 -21.84
CA SER A 50 1.67 19.90 -22.30
C SER A 50 0.18 20.15 -22.06
N ALA A 51 -0.32 19.61 -20.95
CA ALA A 51 -1.71 19.74 -20.54
C ALA A 51 -2.76 19.03 -21.39
N SER A 52 -2.59 19.05 -22.71
CA SER A 52 -3.59 18.44 -23.59
C SER A 52 -3.07 17.56 -24.71
N ASN A 53 -1.75 17.35 -24.75
CA ASN A 53 -1.13 16.53 -25.78
C ASN A 53 -1.17 15.06 -25.41
N ARG A 54 -1.96 14.28 -26.14
CA ARG A 54 -2.05 12.86 -25.89
C ARG A 54 -0.78 12.18 -26.39
N TYR A 55 -0.13 11.42 -25.52
CA TYR A 55 1.11 10.73 -25.88
C TYR A 55 0.85 9.61 -26.87
N THR A 56 1.79 9.38 -27.76
CA THR A 56 1.69 8.34 -28.77
C THR A 56 1.25 7.01 -28.16
N GLY A 57 0.21 6.41 -28.74
CA GLY A 57 -0.27 5.12 -28.26
C GLY A 57 -1.38 5.16 -27.23
N VAL A 58 -1.58 6.31 -26.61
CA VAL A 58 -2.62 6.45 -25.60
C VAL A 58 -4.00 6.51 -26.23
N PRO A 59 -4.96 5.73 -25.71
CA PRO A 59 -6.33 5.70 -26.23
C PRO A 59 -7.01 7.07 -26.26
N ASP A 60 -7.80 7.31 -27.31
CA ASP A 60 -8.52 8.57 -27.47
C ASP A 60 -9.40 8.86 -26.26
N ARG A 61 -9.71 7.82 -25.49
CA ARG A 61 -10.53 7.90 -24.27
C ARG A 61 -10.00 8.91 -23.26
N PHE A 62 -8.69 9.07 -23.25
CA PHE A 62 -8.03 9.96 -22.30
C PHE A 62 -7.81 11.35 -22.87
N THR A 63 -8.35 12.36 -22.19
CA THR A 63 -8.21 13.72 -22.65
C THR A 63 -7.81 14.66 -21.52
N GLY A 64 -6.74 15.41 -21.75
CA GLY A 64 -6.29 16.36 -20.76
C GLY A 64 -6.68 17.76 -21.19
N SER A 65 -7.02 18.61 -20.23
CA SER A 65 -7.40 19.98 -20.56
C SER A 65 -7.05 20.94 -19.44
N GLY A 66 -7.28 22.23 -19.67
CA GLY A 66 -6.96 23.21 -18.66
C GLY A 66 -5.65 23.93 -18.90
N SER A 67 -5.36 24.92 -18.05
CA SER A 67 -4.15 25.70 -18.15
C SER A 67 -4.05 26.56 -16.90
N GLY A 68 -2.89 27.16 -16.69
CA GLY A 68 -2.70 28.02 -15.54
C GLY A 68 -2.63 27.31 -14.20
N THR A 69 -3.77 27.26 -13.50
CA THR A 69 -3.83 26.64 -12.19
C THR A 69 -4.92 25.57 -12.07
N ASP A 70 -5.68 25.35 -13.12
CA ASP A 70 -6.77 24.37 -13.10
C ASP A 70 -6.64 23.38 -14.26
N PHE A 71 -6.37 22.12 -13.94
CA PHE A 71 -6.20 21.09 -14.98
C PHE A 71 -7.13 19.92 -14.77
N THR A 72 -7.54 19.30 -15.88
CA THR A 72 -8.47 18.17 -15.82
C THR A 72 -8.06 17.00 -16.70
N LEU A 73 -8.20 15.80 -16.16
CA LEU A 73 -7.93 14.58 -16.91
C LEU A 73 -9.31 13.95 -17.02
N THR A 74 -9.75 13.71 -18.24
CA THR A 74 -11.06 13.12 -18.45
C THR A 74 -10.93 11.74 -19.10
N ILE A 75 -11.58 10.75 -18.51
CA ILE A 75 -11.57 9.41 -19.09
C ILE A 75 -12.99 9.09 -19.49
N SER A 76 -13.28 9.21 -20.78
CA SER A 76 -14.63 8.90 -21.27
C SER A 76 -14.71 7.39 -21.49
N ASN A 77 -15.92 6.87 -21.59
CA ASN A 77 -16.13 5.44 -21.82
C ASN A 77 -15.15 4.57 -21.04
N MET A 78 -15.11 4.77 -19.73
CA MET A 78 -14.20 4.04 -18.86
C MET A 78 -14.26 2.53 -19.07
N GLN A 79 -13.09 1.91 -19.15
CA GLN A 79 -12.97 0.45 -19.34
C GLN A 79 -12.37 -0.20 -18.09
N SER A 80 -12.54 -1.52 -17.95
CA SER A 80 -11.99 -2.20 -16.78
C SER A 80 -10.47 -2.06 -16.73
N GLU A 81 -9.82 -2.00 -17.89
CA GLU A 81 -8.38 -1.86 -17.92
C GLU A 81 -7.92 -0.47 -17.45
N ASP A 82 -8.88 0.44 -17.24
CA ASP A 82 -8.54 1.79 -16.77
C ASP A 82 -8.52 1.86 -15.25
N LEU A 83 -8.89 0.77 -14.58
CA LEU A 83 -8.85 0.73 -13.12
C LEU A 83 -7.37 0.83 -12.77
N ALA A 84 -7.00 1.92 -12.10
CA ALA A 84 -5.60 2.15 -11.75
C ALA A 84 -5.49 3.47 -11.00
N ASP A 85 -4.25 3.88 -10.73
CA ASP A 85 -3.99 5.15 -10.07
C ASP A 85 -3.63 6.15 -11.18
N TYR A 86 -3.97 7.42 -10.97
CA TYR A 86 -3.67 8.48 -11.93
C TYR A 86 -3.02 9.64 -11.19
N PHE A 87 -2.00 10.24 -11.78
CA PHE A 87 -1.28 11.33 -11.15
C PHE A 87 -1.00 12.45 -12.14
N CYS A 88 -1.06 13.69 -11.68
CA CYS A 88 -0.70 14.81 -12.54
C CYS A 88 0.66 15.27 -12.03
N GLN A 89 1.37 16.04 -12.86
CA GLN A 89 2.67 16.57 -12.47
C GLN A 89 2.89 17.87 -13.21
N GLN A 90 3.48 18.86 -12.53
CA GLN A 90 3.79 20.12 -13.21
C GLN A 90 5.29 20.12 -13.44
N TYR A 91 5.71 20.63 -14.60
CA TYR A 91 7.13 20.72 -14.90
C TYR A 91 7.45 22.11 -15.43
N SER A 92 6.72 23.09 -14.92
CA SER A 92 6.91 24.49 -15.29
C SER A 92 8.08 25.06 -14.51
N SER A 93 8.24 24.60 -13.26
CA SER A 93 9.32 25.06 -12.40
C SER A 93 9.88 23.96 -11.52
N TYR A 94 11.11 24.14 -11.07
CA TYR A 94 11.78 23.17 -10.21
C TYR A 94 11.53 23.58 -8.76
N PRO A 95 11.36 22.60 -7.87
CA PRO A 95 11.37 21.16 -8.18
C PRO A 95 10.07 20.74 -8.85
N LEU A 96 10.15 19.70 -9.68
CA LEU A 96 8.96 19.18 -10.34
C LEU A 96 8.12 18.58 -9.21
N THR A 97 6.81 18.73 -9.29
CA THR A 97 5.95 18.22 -8.25
C THR A 97 4.75 17.45 -8.81
N PHE A 98 4.31 16.45 -8.07
CA PHE A 98 3.20 15.58 -8.45
C PHE A 98 1.96 15.79 -7.60
N GLY A 99 0.80 15.53 -8.19
CA GLY A 99 -0.45 15.62 -7.46
C GLY A 99 -0.48 14.38 -6.57
N GLY A 100 -1.38 14.35 -5.60
CA GLY A 100 -1.46 13.22 -4.69
C GLY A 100 -2.03 11.92 -5.25
N GLY A 101 -2.57 11.98 -6.46
CA GLY A 101 -3.11 10.79 -7.09
C GLY A 101 -4.59 10.53 -6.87
N THR A 102 -5.17 9.75 -7.78
CA THR A 102 -6.57 9.35 -7.72
C THR A 102 -6.64 7.88 -8.09
N LYS A 103 -7.29 7.08 -7.24
CA LYS A 103 -7.43 5.66 -7.51
C LYS A 103 -8.83 5.44 -8.06
N VAL A 104 -8.91 4.94 -9.30
CA VAL A 104 -10.19 4.69 -9.95
C VAL A 104 -10.55 3.24 -9.66
N GLU A 105 -11.73 3.04 -9.06
CA GLU A 105 -12.20 1.73 -8.66
C GLU A 105 -13.57 1.37 -9.25
N ILE A 106 -14.02 0.16 -8.92
CA ILE A 106 -15.29 -0.37 -9.40
C ILE A 106 -16.47 0.02 -8.50
N LYS A 107 -17.50 0.64 -9.07
CA LYS A 107 -18.65 1.01 -8.26
C LYS A 107 -19.59 -0.18 -8.07
N ARG A 108 -20.23 -0.22 -6.91
CA ARG A 108 -21.21 -1.25 -6.57
C ARG A 108 -22.10 -0.65 -5.48
N THR A 109 -23.15 -1.36 -5.07
CA THR A 109 -24.03 -0.85 -4.04
C THR A 109 -23.34 -0.83 -2.68
N VAL A 110 -23.80 0.07 -1.82
CA VAL A 110 -23.26 0.18 -0.48
C VAL A 110 -23.47 -1.15 0.24
N ALA A 111 -22.47 -1.54 1.04
CA ALA A 111 -22.55 -2.78 1.80
C ALA A 111 -21.90 -2.54 3.15
N ALA A 112 -22.66 -2.78 4.23
CA ALA A 112 -22.13 -2.57 5.57
C ALA A 112 -21.15 -3.67 5.91
N PRO A 113 -20.14 -3.36 6.73
CA PRO A 113 -19.15 -4.38 7.10
C PRO A 113 -19.68 -5.28 8.20
N SER A 114 -19.21 -6.52 8.20
CA SER A 114 -19.57 -7.46 9.25
C SER A 114 -18.37 -7.32 10.17
N VAL A 115 -18.62 -7.00 11.44
CA VAL A 115 -17.53 -6.80 12.38
C VAL A 115 -17.28 -7.96 13.33
N PHE A 116 -16.00 -8.22 13.61
CA PHE A 116 -15.56 -9.28 14.51
C PHE A 116 -14.35 -8.80 15.28
N ILE A 117 -14.25 -9.15 16.56
CA ILE A 117 -13.11 -8.76 17.37
C ILE A 117 -12.44 -10.03 17.88
N PHE A 118 -11.10 -10.03 17.96
CA PHE A 118 -10.37 -11.20 18.44
C PHE A 118 -9.40 -10.91 19.57
N PRO A 119 -9.50 -11.68 20.67
CA PRO A 119 -8.63 -11.53 21.84
C PRO A 119 -7.22 -11.98 21.48
N PRO A 120 -6.22 -11.57 22.27
CA PRO A 120 -4.81 -11.92 22.06
C PRO A 120 -4.43 -13.41 22.12
N SER A 121 -5.19 -14.22 22.83
CA SER A 121 -4.88 -15.65 22.97
C SER A 121 -3.67 -15.80 23.89
N ASP A 122 -3.81 -16.67 24.89
CA ASP A 122 -2.75 -16.89 25.88
C ASP A 122 -1.38 -17.16 25.27
N GLU A 123 -1.37 -17.89 24.17
CA GLU A 123 -0.14 -18.24 23.47
C GLU A 123 0.72 -17.00 23.15
N GLN A 124 0.13 -15.97 22.55
CA GLN A 124 0.90 -14.79 22.20
C GLN A 124 1.47 -14.03 23.41
N LEU A 125 0.72 -13.98 24.50
CA LEU A 125 1.17 -13.28 25.70
C LEU A 125 2.62 -13.62 26.10
N LYS A 126 2.98 -14.90 25.96
CA LYS A 126 4.32 -15.34 26.31
C LYS A 126 5.39 -14.50 25.63
N SER A 127 5.04 -13.90 24.50
CA SER A 127 5.99 -13.08 23.75
C SER A 127 6.24 -11.74 24.44
N GLY A 128 5.30 -11.35 25.30
CA GLY A 128 5.44 -10.08 25.99
C GLY A 128 4.56 -8.99 25.40
N THR A 129 3.96 -9.27 24.25
CA THR A 129 3.09 -8.29 23.60
C THR A 129 1.72 -8.90 23.36
N ALA A 130 0.70 -8.05 23.39
CA ALA A 130 -0.68 -8.50 23.17
C ALA A 130 -1.21 -7.83 21.92
N SER A 131 -1.80 -8.63 21.04
CA SER A 131 -2.35 -8.13 19.80
C SER A 131 -3.86 -8.32 19.77
N VAL A 132 -4.60 -7.22 19.62
CA VAL A 132 -6.05 -7.28 19.56
C VAL A 132 -6.42 -6.95 18.12
N VAL A 133 -7.23 -7.81 17.50
CA VAL A 133 -7.60 -7.62 16.11
C VAL A 133 -9.08 -7.41 15.87
N CYS A 134 -9.38 -6.41 15.05
CA CYS A 134 -10.75 -6.10 14.68
C CYS A 134 -10.86 -6.30 13.18
N LEU A 135 -11.90 -7.00 12.76
CA LEU A 135 -12.14 -7.28 11.35
C LEU A 135 -13.42 -6.67 10.81
N LEU A 136 -13.29 -5.93 9.71
CA LEU A 136 -14.43 -5.32 9.02
C LEU A 136 -14.45 -6.12 7.72
N ASN A 137 -15.46 -6.95 7.57
CA ASN A 137 -15.53 -7.83 6.42
C ASN A 137 -16.56 -7.51 5.34
N ASN A 138 -16.11 -7.57 4.09
CA ASN A 138 -16.93 -7.36 2.91
C ASN A 138 -17.81 -6.11 2.92
N PHE A 139 -17.20 -4.93 2.93
CA PHE A 139 -17.96 -3.69 2.93
C PHE A 139 -17.65 -2.83 1.71
N TYR A 140 -18.49 -1.82 1.48
CA TYR A 140 -18.31 -0.90 0.35
C TYR A 140 -19.14 0.36 0.60
N PRO A 141 -18.58 1.55 0.32
CA PRO A 141 -17.24 1.85 -0.20
C PRO A 141 -16.13 1.67 0.83
N ARG A 142 -14.89 1.97 0.44
CA ARG A 142 -13.76 1.82 1.34
C ARG A 142 -13.76 2.71 2.58
N GLU A 143 -14.44 3.85 2.53
CA GLU A 143 -14.48 4.77 3.67
C GLU A 143 -14.95 4.03 4.91
N ALA A 144 -14.11 4.00 5.94
CA ALA A 144 -14.46 3.33 7.18
C ALA A 144 -13.69 3.92 8.35
N LYS A 145 -14.36 4.05 9.49
CA LYS A 145 -13.73 4.60 10.68
C LYS A 145 -13.74 3.56 11.78
N VAL A 146 -12.56 3.28 12.34
CA VAL A 146 -12.43 2.30 13.41
C VAL A 146 -11.77 2.96 14.61
N GLN A 147 -12.43 2.88 15.77
CA GLN A 147 -11.91 3.47 17.00
C GLN A 147 -11.71 2.40 18.06
N TRP A 148 -10.54 2.42 18.71
CA TRP A 148 -10.26 1.48 19.77
C TRP A 148 -10.51 2.12 21.12
N LYS A 149 -11.12 1.37 22.03
CA LYS A 149 -11.41 1.87 23.37
C LYS A 149 -11.15 0.80 24.42
N VAL A 150 -10.18 1.07 25.29
CA VAL A 150 -9.82 0.15 26.37
C VAL A 150 -10.44 0.72 27.64
N ASP A 151 -11.39 -0.02 28.22
CA ASP A 151 -12.09 0.44 29.41
C ASP A 151 -12.71 1.82 29.14
N ASN A 152 -13.26 1.98 27.94
CA ASN A 152 -13.90 3.22 27.53
C ASN A 152 -12.94 4.36 27.24
N ALA A 153 -11.65 4.04 27.14
CA ALA A 153 -10.62 5.05 26.87
C ALA A 153 -10.16 4.99 25.41
N LEU A 154 -10.39 6.07 24.68
CA LEU A 154 -10.00 6.14 23.27
C LEU A 154 -8.49 6.02 23.10
N GLN A 155 -8.08 5.07 22.26
CA GLN A 155 -6.66 4.82 21.99
C GLN A 155 -6.14 5.69 20.86
N SER A 156 -4.83 5.86 20.80
CA SER A 156 -4.20 6.65 19.76
C SER A 156 -2.74 6.27 19.55
N GLY A 157 -2.34 6.16 18.29
CA GLY A 157 -0.97 5.82 17.95
C GLY A 157 -0.48 4.41 18.24
N ASN A 158 -1.38 3.54 18.69
CA ASN A 158 -0.99 2.15 18.99
C ASN A 158 -1.74 1.12 18.15
N SER A 159 -2.33 1.57 17.04
CA SER A 159 -3.06 0.66 16.16
C SER A 159 -2.68 0.87 14.70
N GLN A 160 -2.85 -0.17 13.88
CA GLN A 160 -2.53 -0.08 12.47
C GLN A 160 -3.61 -0.75 11.65
N GLU A 161 -3.90 -0.18 10.49
CA GLU A 161 -4.93 -0.70 9.60
C GLU A 161 -4.39 -1.24 8.28
N SER A 162 -5.03 -2.29 7.79
CA SER A 162 -4.66 -2.90 6.53
C SER A 162 -5.97 -3.17 5.78
N VAL A 163 -5.99 -2.86 4.50
CA VAL A 163 -7.19 -3.06 3.69
C VAL A 163 -6.88 -3.88 2.45
N THR A 164 -7.76 -4.81 2.12
CA THR A 164 -7.57 -5.64 0.94
C THR A 164 -8.03 -4.83 -0.27
N GLU A 165 -7.65 -5.31 -1.45
CA GLU A 165 -8.07 -4.67 -2.68
C GLU A 165 -9.48 -5.18 -2.93
N GLN A 166 -10.22 -4.53 -3.80
CA GLN A 166 -11.58 -4.96 -4.10
C GLN A 166 -11.66 -6.43 -4.48
N ASP A 167 -12.58 -7.16 -3.86
CA ASP A 167 -12.76 -8.57 -4.15
C ASP A 167 -13.09 -8.75 -5.64
N SER A 168 -12.44 -9.73 -6.26
CA SER A 168 -12.65 -10.01 -7.68
C SER A 168 -14.08 -10.44 -8.00
N LYS A 169 -14.77 -11.02 -7.02
CA LYS A 169 -16.13 -11.49 -7.23
C LYS A 169 -17.22 -10.47 -6.88
N ASP A 170 -17.17 -9.93 -5.66
CA ASP A 170 -18.20 -8.99 -5.22
C ASP A 170 -17.81 -7.52 -5.10
N SER A 171 -16.55 -7.21 -5.42
CA SER A 171 -16.05 -5.84 -5.39
C SER A 171 -16.02 -5.16 -4.03
N THR A 172 -16.08 -5.93 -2.94
CA THR A 172 -16.05 -5.32 -1.62
C THR A 172 -14.62 -5.27 -1.05
N TYR A 173 -14.49 -4.63 0.10
CA TYR A 173 -13.22 -4.51 0.80
C TYR A 173 -13.35 -5.20 2.14
N SER A 174 -12.21 -5.50 2.73
CA SER A 174 -12.15 -6.07 4.06
C SER A 174 -11.01 -5.30 4.71
N LEU A 175 -11.12 -5.07 6.01
CA LEU A 175 -10.11 -4.30 6.73
C LEU A 175 -9.81 -4.90 8.09
N SER A 176 -8.56 -4.79 8.51
CA SER A 176 -8.17 -5.27 9.83
C SER A 176 -7.52 -4.12 10.55
N SER A 177 -7.85 -3.96 11.83
CA SER A 177 -7.24 -2.91 12.64
C SER A 177 -6.61 -3.68 13.79
N THR A 178 -5.31 -3.52 13.97
CA THR A 178 -4.64 -4.23 15.04
C THR A 178 -4.12 -3.30 16.12
N LEU A 179 -4.56 -3.54 17.35
CA LEU A 179 -4.14 -2.75 18.50
C LEU A 179 -2.98 -3.48 19.17
N THR A 180 -1.80 -2.87 19.15
CA THR A 180 -0.62 -3.48 19.75
C THR A 180 -0.26 -2.84 21.08
N LEU A 181 -0.04 -3.68 22.09
CA LEU A 181 0.32 -3.21 23.42
C LEU A 181 1.06 -4.32 24.17
N SER A 182 1.74 -3.95 25.25
CA SER A 182 2.47 -4.92 26.04
C SER A 182 1.51 -5.74 26.87
N LYS A 183 1.94 -6.94 27.27
CA LYS A 183 1.11 -7.81 28.08
C LYS A 183 0.74 -7.08 29.37
N ALA A 184 1.68 -6.33 29.89
CA ALA A 184 1.47 -5.56 31.11
C ALA A 184 0.22 -4.69 30.98
N ASP A 185 0.21 -3.80 29.98
CA ASP A 185 -0.92 -2.91 29.77
C ASP A 185 -2.20 -3.71 29.54
N TYR A 186 -2.10 -4.76 28.72
CA TYR A 186 -3.27 -5.59 28.43
C TYR A 186 -3.90 -6.16 29.70
N GLU A 187 -3.05 -6.59 30.64
CA GLU A 187 -3.55 -7.16 31.89
C GLU A 187 -4.12 -6.09 32.81
N LYS A 188 -3.62 -4.86 32.66
CA LYS A 188 -4.07 -3.74 33.48
C LYS A 188 -5.53 -3.36 33.22
N HIS A 189 -6.03 -3.63 32.02
CA HIS A 189 -7.40 -3.27 31.70
C HIS A 189 -8.28 -4.48 31.45
N LYS A 190 -9.59 -4.26 31.42
CA LYS A 190 -10.54 -5.33 31.20
C LYS A 190 -11.42 -5.22 29.96
N VAL A 191 -11.92 -4.03 29.68
CA VAL A 191 -12.79 -3.83 28.52
C VAL A 191 -12.07 -3.44 27.24
N TYR A 192 -12.24 -4.26 26.21
CA TYR A 192 -11.64 -4.00 24.91
C TYR A 192 -12.74 -3.92 23.86
N ALA A 193 -12.87 -2.75 23.24
CA ALA A 193 -13.92 -2.54 22.24
C ALA A 193 -13.44 -1.93 20.93
N CYS A 194 -14.09 -2.38 19.85
CA CYS A 194 -13.80 -1.88 18.52
C CYS A 194 -15.08 -1.27 17.98
N GLU A 195 -15.08 0.05 17.80
CA GLU A 195 -16.26 0.73 17.29
C GLU A 195 -16.09 1.11 15.83
N VAL A 196 -17.03 0.66 15.01
CA VAL A 196 -16.98 0.91 13.57
C VAL A 196 -18.11 1.77 13.02
N THR A 197 -17.73 2.74 12.19
CA THR A 197 -18.68 3.64 11.56
C THR A 197 -18.53 3.47 10.05
N HIS A 198 -19.63 3.25 9.36
CA HIS A 198 -19.58 3.08 7.90
C HIS A 198 -20.89 3.56 7.30
N GLN A 199 -20.83 4.02 6.05
CA GLN A 199 -22.02 4.53 5.36
C GLN A 199 -23.17 3.52 5.37
N GLY A 200 -22.85 2.24 5.34
CA GLY A 200 -23.89 1.22 5.31
C GLY A 200 -24.56 0.92 6.65
N LEU A 201 -24.06 1.52 7.72
CA LEU A 201 -24.62 1.31 9.06
C LEU A 201 -25.44 2.53 9.50
N SER A 202 -26.61 2.28 10.08
CA SER A 202 -27.48 3.37 10.54
C SER A 202 -26.96 3.98 11.84
N SER A 203 -26.04 3.28 12.49
CA SER A 203 -25.41 3.74 13.72
C SER A 203 -24.15 2.90 13.95
N PRO A 204 -23.15 3.45 14.64
CA PRO A 204 -21.91 2.71 14.90
C PRO A 204 -22.11 1.32 15.51
N VAL A 205 -21.31 0.36 15.06
CA VAL A 205 -21.38 -0.98 15.59
C VAL A 205 -20.14 -1.20 16.44
N THR A 206 -20.34 -1.67 17.66
CA THR A 206 -19.25 -1.92 18.57
C THR A 206 -19.19 -3.39 18.95
N LYS A 207 -17.99 -3.95 18.85
CA LYS A 207 -17.77 -5.35 19.21
C LYS A 207 -16.71 -5.31 20.30
N SER A 208 -16.92 -6.11 21.35
CA SER A 208 -15.98 -6.11 22.45
C SER A 208 -15.96 -7.40 23.25
N PHE A 209 -15.01 -7.49 24.17
CA PHE A 209 -14.85 -8.64 25.04
C PHE A 209 -14.19 -8.17 26.32
N ASN A 210 -14.26 -9.00 27.36
CA ASN A 210 -13.64 -8.67 28.64
C ASN A 210 -12.48 -9.64 28.84
N ARG A 211 -11.28 -9.11 29.03
CA ARG A 211 -10.09 -9.94 29.23
C ARG A 211 -10.37 -11.10 30.17
N GLY A 212 -9.96 -12.30 29.75
CA GLY A 212 -10.18 -13.49 30.55
C GLY A 212 -11.56 -14.09 30.32
N GLU A 213 -12.21 -13.66 29.23
CA GLU A 213 -13.54 -14.14 28.87
C GLU A 213 -14.53 -13.81 29.99
N GLN B 1 14.68 -0.80 -28.99
CA GLN B 1 13.74 0.04 -28.20
C GLN B 1 14.43 0.61 -26.96
N VAL B 2 13.96 1.75 -26.49
CA VAL B 2 14.52 2.39 -25.31
C VAL B 2 14.20 1.59 -24.05
N GLN B 3 15.22 1.34 -23.23
CA GLN B 3 15.03 0.63 -21.98
C GLN B 3 15.91 1.19 -20.88
N LEU B 4 15.36 1.22 -19.67
CA LEU B 4 16.10 1.70 -18.51
C LEU B 4 16.06 0.54 -17.52
N LEU B 5 17.22 -0.06 -17.29
CA LEU B 5 17.32 -1.22 -16.40
C LEU B 5 17.77 -0.84 -15.00
N GLU B 6 16.91 -1.10 -14.01
CA GLU B 6 17.22 -0.81 -12.61
C GLU B 6 17.41 -2.07 -11.78
N SER B 7 18.13 -1.91 -10.67
CA SER B 7 18.45 -2.97 -9.73
C SER B 7 17.30 -3.90 -9.34
N GLY B 8 16.19 -3.35 -8.84
CA GLY B 8 15.07 -4.20 -8.46
C GLY B 8 14.71 -4.17 -6.98
N ALA B 9 15.64 -4.60 -6.12
CA ALA B 9 15.41 -4.61 -4.68
C ALA B 9 16.71 -4.55 -3.86
N GLU B 10 16.74 -3.65 -2.89
CA GLU B 10 17.90 -3.49 -2.03
C GLU B 10 17.49 -3.46 -0.57
N LEU B 11 18.23 -4.20 0.26
CA LEU B 11 17.98 -4.21 1.70
C LEU B 11 19.11 -3.39 2.30
N VAL B 12 18.76 -2.36 3.07
CA VAL B 12 19.77 -1.49 3.67
C VAL B 12 19.57 -1.37 5.18
N LYS B 13 20.66 -1.39 5.94
CA LYS B 13 20.56 -1.26 7.38
C LYS B 13 20.56 0.22 7.72
N PRO B 14 19.86 0.61 8.80
CA PRO B 14 19.81 2.02 9.19
C PRO B 14 21.22 2.60 9.33
N GLY B 15 21.44 3.75 8.70
CA GLY B 15 22.76 4.39 8.78
C GLY B 15 23.66 4.05 7.60
N ALA B 16 23.35 2.95 6.91
CA ALA B 16 24.15 2.53 5.76
C ALA B 16 23.72 3.33 4.54
N SER B 17 24.43 3.12 3.43
CA SER B 17 24.13 3.79 2.19
C SER B 17 23.96 2.76 1.08
N VAL B 18 23.35 3.18 -0.03
CA VAL B 18 23.15 2.28 -1.15
C VAL B 18 23.21 3.07 -2.46
N LYS B 19 23.77 2.45 -3.50
CA LYS B 19 23.88 3.10 -4.80
C LYS B 19 23.01 2.36 -5.80
N LEU B 20 21.98 3.04 -6.28
CA LEU B 20 21.05 2.43 -7.22
C LEU B 20 21.54 2.64 -8.65
N SER B 21 21.26 1.68 -9.52
CA SER B 21 21.70 1.78 -10.90
C SER B 21 20.54 1.86 -11.89
N CYS B 22 20.82 2.48 -13.04
CA CYS B 22 19.84 2.65 -14.10
C CYS B 22 20.61 2.63 -15.43
N LYS B 23 20.68 1.45 -16.05
CA LYS B 23 21.40 1.31 -17.31
C LYS B 23 20.49 1.59 -18.50
N ALA B 24 20.91 2.52 -19.34
CA ALA B 24 20.16 2.94 -20.51
C ALA B 24 20.60 2.23 -21.78
N SER B 25 19.65 1.96 -22.67
CA SER B 25 19.93 1.31 -23.95
C SER B 25 18.84 1.65 -24.94
N GLY B 26 19.14 1.49 -26.23
CA GLY B 26 18.14 1.78 -27.25
C GLY B 26 18.13 3.22 -27.70
N TYR B 27 19.04 4.03 -27.15
CA TYR B 27 19.15 5.45 -27.52
C TYR B 27 20.50 5.97 -27.04
N THR B 28 20.86 7.17 -27.48
CA THR B 28 22.13 7.77 -27.08
C THR B 28 22.04 8.34 -25.67
N PHE B 29 22.59 7.61 -24.71
CA PHE B 29 22.59 7.98 -23.30
C PHE B 29 22.81 9.47 -23.00
N THR B 30 23.86 10.05 -23.58
CA THR B 30 24.19 11.45 -23.33
C THR B 30 23.27 12.52 -23.92
N SER B 31 22.32 12.13 -24.74
CA SER B 31 21.42 13.10 -25.37
C SER B 31 20.19 13.51 -24.56
N TYR B 32 19.93 12.80 -23.47
CA TYR B 32 18.75 13.09 -22.64
C TYR B 32 19.07 13.14 -21.16
N TRP B 33 18.44 14.08 -20.46
CA TRP B 33 18.64 14.18 -19.02
C TRP B 33 18.00 12.94 -18.42
N MET B 34 18.39 12.60 -17.19
CA MET B 34 17.81 11.45 -16.51
C MET B 34 17.27 11.95 -15.17
N HIS B 35 16.00 11.65 -14.90
CA HIS B 35 15.35 12.05 -13.65
C HIS B 35 15.29 10.86 -12.69
N TRP B 36 15.21 11.16 -11.40
CA TRP B 36 15.05 10.13 -10.38
C TRP B 36 13.82 10.54 -9.57
N VAL B 37 12.99 9.55 -9.25
CA VAL B 37 11.75 9.78 -8.52
C VAL B 37 11.62 8.77 -7.39
N LYS B 38 11.01 9.21 -6.29
CA LYS B 38 10.79 8.38 -5.12
C LYS B 38 9.30 8.17 -4.95
N GLN B 39 8.90 6.97 -4.53
CA GLN B 39 7.48 6.71 -4.31
C GLN B 39 7.21 5.87 -3.08
N ARG B 40 6.35 6.41 -2.22
CA ARG B 40 5.93 5.72 -1.01
C ARG B 40 4.40 5.71 -1.09
N PRO B 41 3.76 4.65 -0.58
CA PRO B 41 2.30 4.59 -0.64
C PRO B 41 1.63 5.81 0.00
N GLY B 42 2.25 6.32 1.05
CA GLY B 42 1.70 7.48 1.73
C GLY B 42 2.11 8.83 1.16
N ARG B 43 3.41 9.11 1.17
CA ARG B 43 3.95 10.36 0.65
C ARG B 43 3.61 10.61 -0.82
N GLY B 44 3.50 9.55 -1.60
CA GLY B 44 3.21 9.68 -3.02
C GLY B 44 4.49 9.80 -3.81
N LEU B 45 4.41 10.37 -5.01
CA LEU B 45 5.57 10.52 -5.88
C LEU B 45 6.29 11.85 -5.63
N GLU B 46 7.62 11.80 -5.57
CA GLU B 46 8.43 12.99 -5.36
C GLU B 46 9.61 13.01 -6.32
N TRP B 47 9.87 14.18 -6.92
CA TRP B 47 10.98 14.34 -7.85
C TRP B 47 12.24 14.59 -7.02
N ILE B 48 13.24 13.74 -7.17
CA ILE B 48 14.48 13.88 -6.42
C ILE B 48 15.47 14.84 -7.06
N GLY B 49 15.67 14.69 -8.36
CA GLY B 49 16.59 15.55 -9.08
C GLY B 49 16.83 15.01 -10.46
N ARG B 50 17.71 15.67 -11.21
CA ARG B 50 18.04 15.25 -12.56
C ARG B 50 19.52 15.43 -12.83
N ILE B 51 20.01 14.71 -13.82
CA ILE B 51 21.40 14.82 -14.22
C ILE B 51 21.50 14.80 -15.73
N ASP B 52 22.40 15.62 -16.26
CA ASP B 52 22.63 15.68 -17.69
C ASP B 52 23.85 14.77 -17.89
N PRO B 53 23.65 13.58 -18.47
CA PRO B 53 24.73 12.62 -18.71
C PRO B 53 25.88 13.16 -19.54
N ASN B 54 25.59 14.12 -20.40
CA ASN B 54 26.60 14.71 -21.27
C ASN B 54 27.57 15.64 -20.53
N SER B 55 27.04 16.48 -19.65
CA SER B 55 27.86 17.43 -18.91
C SER B 55 28.11 17.03 -17.47
N GLY B 56 27.20 16.25 -16.90
CA GLY B 56 27.34 15.85 -15.51
C GLY B 56 26.65 16.84 -14.60
N GLY B 57 26.10 17.90 -15.19
CA GLY B 57 25.40 18.92 -14.42
C GLY B 57 24.19 18.32 -13.73
N THR B 58 23.94 18.76 -12.50
CA THR B 58 22.82 18.26 -11.72
C THR B 58 21.96 19.35 -11.11
N LYS B 59 20.74 18.98 -10.73
CA LYS B 59 19.78 19.87 -10.10
C LYS B 59 19.01 18.99 -9.14
N TYR B 60 18.94 19.38 -7.87
CA TYR B 60 18.24 18.60 -6.87
C TYR B 60 17.05 19.29 -6.25
N ASN B 61 16.14 18.47 -5.76
CA ASN B 61 14.96 18.94 -5.06
C ASN B 61 15.58 19.22 -3.68
N GLU B 62 15.36 20.41 -3.13
CA GLU B 62 15.91 20.76 -1.83
C GLU B 62 15.70 19.66 -0.79
N LYS B 63 14.56 18.99 -0.87
CA LYS B 63 14.22 17.94 0.07
C LYS B 63 15.18 16.75 0.08
N PHE B 64 15.93 16.57 -0.99
CA PHE B 64 16.86 15.44 -1.06
C PHE B 64 18.31 15.88 -1.18
N LYS B 65 18.54 17.17 -1.03
CA LYS B 65 19.88 17.78 -1.12
C LYS B 65 20.97 16.97 -0.43
N SER B 66 20.77 16.62 0.83
CA SER B 66 21.80 15.88 1.56
C SER B 66 21.58 14.37 1.55
N LYS B 67 20.57 13.93 0.82
CA LYS B 67 20.23 12.51 0.78
C LYS B 67 20.69 11.78 -0.47
N ALA B 68 20.46 12.39 -1.63
CA ALA B 68 20.82 11.76 -2.89
C ALA B 68 21.95 12.45 -3.65
N THR B 69 22.75 11.65 -4.34
CA THR B 69 23.84 12.17 -5.15
C THR B 69 23.73 11.45 -6.48
N LEU B 70 23.56 12.22 -7.56
CA LEU B 70 23.42 11.66 -8.89
C LEU B 70 24.73 11.74 -9.68
N THR B 71 25.06 10.64 -10.36
CA THR B 71 26.26 10.58 -11.19
C THR B 71 25.95 9.70 -12.39
N VAL B 72 26.88 9.64 -13.33
CA VAL B 72 26.73 8.81 -14.52
C VAL B 72 28.07 8.21 -14.88
N ASP B 73 28.03 7.14 -15.67
CA ASP B 73 29.24 6.48 -16.15
C ASP B 73 28.96 6.30 -17.65
N LYS B 74 29.61 7.11 -18.48
CA LYS B 74 29.41 7.05 -19.91
C LYS B 74 29.80 5.71 -20.53
N PRO B 75 30.96 5.15 -20.16
CA PRO B 75 31.38 3.86 -20.72
C PRO B 75 30.29 2.80 -20.67
N SER B 76 29.57 2.74 -19.54
CA SER B 76 28.53 1.74 -19.37
C SER B 76 27.12 2.30 -19.60
N SER B 77 27.03 3.56 -20.01
CA SER B 77 25.73 4.20 -20.24
C SER B 77 24.81 3.97 -19.05
N THR B 78 25.32 4.17 -17.85
CA THR B 78 24.52 3.96 -16.65
C THR B 78 24.49 5.18 -15.74
N ALA B 79 23.29 5.48 -15.22
CA ALA B 79 23.10 6.59 -14.31
C ALA B 79 23.02 5.99 -12.91
N TYR B 80 23.51 6.71 -11.92
CA TYR B 80 23.49 6.22 -10.55
C TYR B 80 22.92 7.23 -9.58
N MET B 81 22.36 6.72 -8.49
CA MET B 81 21.85 7.59 -7.45
C MET B 81 22.30 7.00 -6.13
N GLN B 82 23.14 7.75 -5.43
CA GLN B 82 23.66 7.36 -4.13
C GLN B 82 22.74 7.90 -3.06
N LEU B 83 22.22 7.03 -2.22
CA LEU B 83 21.34 7.43 -1.13
C LEU B 83 22.15 7.19 0.13
N SER B 84 22.39 8.23 0.91
CA SER B 84 23.21 8.07 2.09
C SER B 84 22.54 8.14 3.45
N SER B 85 23.15 7.44 4.40
CA SER B 85 22.68 7.40 5.79
C SER B 85 21.18 7.20 5.85
N LEU B 86 20.73 6.01 5.44
CA LEU B 86 19.30 5.74 5.40
C LEU B 86 18.59 5.49 6.72
N THR B 87 17.30 5.81 6.71
CA THR B 87 16.42 5.60 7.85
C THR B 87 15.17 4.99 7.22
N SER B 88 14.19 4.65 8.04
CA SER B 88 12.95 4.07 7.54
C SER B 88 12.23 5.02 6.59
N GLU B 89 12.49 6.31 6.73
CA GLU B 89 11.86 7.32 5.88
C GLU B 89 12.30 7.15 4.43
N ASP B 90 13.47 6.53 4.23
CA ASP B 90 14.02 6.32 2.90
C ASP B 90 13.51 5.06 2.20
N SER B 91 12.81 4.19 2.93
CA SER B 91 12.27 2.99 2.31
C SER B 91 11.21 3.47 1.30
N ALA B 92 11.32 2.99 0.08
CA ALA B 92 10.41 3.38 -0.99
C ALA B 92 10.83 2.70 -2.28
N VAL B 93 10.09 2.99 -3.35
CA VAL B 93 10.42 2.47 -4.66
C VAL B 93 11.04 3.67 -5.37
N TYR B 94 12.21 3.48 -5.96
CA TYR B 94 12.88 4.56 -6.66
C TYR B 94 12.94 4.27 -8.14
N TYR B 95 12.59 5.25 -8.95
CA TYR B 95 12.61 5.10 -10.40
C TYR B 95 13.56 6.09 -11.05
N CYS B 96 14.06 5.73 -12.21
CA CYS B 96 14.84 6.64 -13.01
C CYS B 96 13.93 6.74 -14.22
N THR B 97 13.88 7.91 -14.84
CA THR B 97 13.05 8.08 -16.02
C THR B 97 13.74 9.10 -16.90
N ARG B 98 13.65 8.91 -18.21
CA ARG B 98 14.30 9.84 -19.13
C ARG B 98 13.64 11.22 -19.06
N ARG B 99 14.35 12.22 -19.58
CA ARG B 99 13.91 13.61 -19.59
C ARG B 99 12.41 13.88 -19.63
N ASP B 100 11.74 13.34 -20.64
CA ASP B 100 10.31 13.57 -20.83
C ASP B 100 9.36 12.63 -20.09
N SER B 101 9.91 11.72 -19.31
CA SER B 101 9.10 10.76 -18.57
C SER B 101 8.28 9.86 -19.49
N ASP B 102 8.78 9.66 -20.70
CA ASP B 102 8.10 8.77 -21.64
C ASP B 102 8.60 7.34 -21.39
N TYR B 103 9.82 7.22 -20.89
CA TYR B 103 10.39 5.91 -20.58
C TYR B 103 10.84 5.89 -19.12
N TRP B 104 10.47 4.82 -18.41
CA TRP B 104 10.79 4.64 -17.00
C TRP B 104 11.46 3.30 -16.72
N GLY B 105 12.25 3.28 -15.65
CA GLY B 105 12.88 2.04 -15.23
C GLY B 105 11.76 1.29 -14.52
N ALA B 106 11.98 0.04 -14.16
CA ALA B 106 10.93 -0.75 -13.50
C ALA B 106 10.81 -0.42 -12.02
N GLY B 107 11.79 0.29 -11.49
CA GLY B 107 11.74 0.65 -10.09
C GLY B 107 12.55 -0.27 -9.21
N THR B 108 13.23 0.29 -8.24
CA THR B 108 14.04 -0.48 -7.30
C THR B 108 13.43 -0.26 -5.93
N THR B 109 12.94 -1.33 -5.31
CA THR B 109 12.35 -1.22 -3.98
C THR B 109 13.44 -1.28 -2.93
N VAL B 110 13.54 -0.23 -2.10
CA VAL B 110 14.55 -0.18 -1.05
C VAL B 110 13.88 -0.32 0.31
N THR B 111 14.35 -1.28 1.08
CA THR B 111 13.80 -1.51 2.41
C THR B 111 14.91 -1.26 3.41
N VAL B 112 14.64 -0.37 4.37
CA VAL B 112 15.62 -0.05 5.38
C VAL B 112 15.21 -0.71 6.68
N SER B 113 16.03 -1.65 7.13
CA SER B 113 15.74 -2.39 8.36
C SER B 113 17.03 -2.99 8.93
N SER B 114 17.06 -3.16 10.24
CA SER B 114 18.21 -3.73 10.91
C SER B 114 17.97 -5.21 11.19
N ALA B 115 16.77 -5.69 10.88
CA ALA B 115 16.41 -7.08 11.13
C ALA B 115 17.13 -8.11 10.27
N SER B 116 17.21 -9.33 10.78
CA SER B 116 17.85 -10.44 10.07
C SER B 116 16.76 -11.47 9.75
N THR B 117 17.02 -12.34 8.78
CA THR B 117 16.04 -13.36 8.42
C THR B 117 15.43 -13.98 9.67
N LYS B 118 14.10 -14.02 9.72
CA LYS B 118 13.39 -14.58 10.87
C LYS B 118 12.00 -15.10 10.50
N GLY B 119 11.76 -16.38 10.81
CA GLY B 119 10.48 -17.00 10.51
C GLY B 119 9.37 -16.38 11.33
N PRO B 120 8.11 -16.44 10.86
CA PRO B 120 6.98 -15.85 11.59
C PRO B 120 6.44 -16.66 12.76
N SER B 121 5.79 -15.94 13.68
CA SER B 121 5.13 -16.56 14.81
C SER B 121 3.69 -16.59 14.30
N VAL B 122 2.94 -17.64 14.62
CA VAL B 122 1.56 -17.74 14.15
C VAL B 122 0.61 -17.96 15.30
N PHE B 123 -0.29 -16.99 15.50
CA PHE B 123 -1.25 -17.04 16.59
C PHE B 123 -2.67 -17.21 16.06
N PRO B 124 -3.51 -17.93 16.81
CA PRO B 124 -4.89 -18.13 16.36
C PRO B 124 -5.81 -16.95 16.63
N LEU B 125 -6.69 -16.66 15.67
CA LEU B 125 -7.69 -15.62 15.82
C LEU B 125 -8.90 -16.54 15.92
N ALA B 126 -9.16 -17.00 17.13
CA ALA B 126 -10.25 -17.94 17.40
C ALA B 126 -11.66 -17.43 17.13
N PRO B 127 -12.53 -18.32 16.62
CA PRO B 127 -13.93 -18.03 16.30
C PRO B 127 -14.68 -17.71 17.58
N SER B 128 -15.41 -16.60 17.58
CA SER B 128 -16.19 -16.21 18.74
C SER B 128 -17.16 -17.33 19.10
N SER B 129 -17.12 -17.75 20.36
CA SER B 129 -18.00 -18.82 20.82
C SER B 129 -19.25 -18.19 21.40
N LYS B 130 -20.41 -18.77 21.11
CA LYS B 130 -21.67 -18.24 21.60
C LYS B 130 -21.85 -16.82 21.06
N SER B 131 -21.46 -16.63 19.80
CA SER B 131 -21.56 -15.33 19.15
C SER B 131 -22.89 -15.20 18.40
N THR B 132 -22.82 -15.14 17.08
CA THR B 132 -24.03 -15.02 16.26
C THR B 132 -24.44 -16.35 15.65
N SER B 133 -25.70 -16.71 15.84
CA SER B 133 -26.22 -17.96 15.30
C SER B 133 -26.59 -17.74 13.83
N GLY B 134 -26.11 -16.64 13.27
CA GLY B 134 -26.39 -16.32 11.88
C GLY B 134 -25.77 -17.34 10.93
N GLY B 135 -25.17 -18.37 11.51
CA GLY B 135 -24.55 -19.41 10.71
C GLY B 135 -23.24 -19.00 10.05
N THR B 136 -22.73 -17.83 10.43
CA THR B 136 -21.47 -17.35 9.85
C THR B 136 -20.51 -16.81 10.90
N ALA B 137 -19.37 -17.47 11.04
CA ALA B 137 -18.35 -17.07 12.01
C ALA B 137 -17.05 -16.73 11.29
N ALA B 138 -16.23 -15.91 11.95
CA ALA B 138 -14.94 -15.53 11.38
C ALA B 138 -13.81 -16.04 12.25
N LEU B 139 -12.76 -16.54 11.61
CA LEU B 139 -11.59 -17.05 12.31
C LEU B 139 -10.37 -16.74 11.46
N GLY B 140 -9.18 -16.93 12.00
CA GLY B 140 -7.99 -16.64 11.22
C GLY B 140 -6.69 -16.88 11.94
N CYS B 141 -5.60 -16.43 11.32
CA CYS B 141 -4.28 -16.56 11.89
C CYS B 141 -3.54 -15.25 11.82
N LEU B 142 -2.95 -14.86 12.95
CA LEU B 142 -2.15 -13.65 13.03
C LEU B 142 -0.72 -14.07 12.78
N VAL B 143 -0.16 -13.63 11.66
CA VAL B 143 1.20 -13.98 11.27
C VAL B 143 2.12 -12.80 11.53
N LYS B 144 2.87 -12.82 12.62
CA LYS B 144 3.73 -11.69 12.90
C LYS B 144 5.20 -11.92 13.24
N ASP B 145 5.96 -10.84 13.13
CA ASP B 145 7.38 -10.82 13.42
C ASP B 145 8.22 -11.73 12.54
N TYR B 146 8.18 -11.48 11.24
CA TYR B 146 8.96 -12.24 10.28
C TYR B 146 9.75 -11.26 9.43
N PHE B 147 10.78 -11.74 8.73
CA PHE B 147 11.61 -10.88 7.91
C PHE B 147 12.56 -11.70 7.04
N PRO B 148 12.72 -11.30 5.76
CA PRO B 148 12.03 -10.17 5.14
C PRO B 148 10.71 -10.67 4.60
N GLU B 149 10.29 -10.15 3.45
CA GLU B 149 9.07 -10.61 2.83
C GLU B 149 9.50 -11.60 1.77
N PRO B 150 8.56 -12.41 1.25
CA PRO B 150 7.16 -12.39 1.65
C PRO B 150 6.78 -13.66 2.39
N VAL B 151 5.51 -13.73 2.79
CA VAL B 151 4.99 -14.90 3.45
C VAL B 151 3.72 -15.23 2.68
N THR B 152 3.37 -16.51 2.62
CA THR B 152 2.16 -16.91 1.93
C THR B 152 1.31 -17.66 2.94
N VAL B 153 0.00 -17.59 2.76
CA VAL B 153 -0.91 -18.26 3.66
C VAL B 153 -2.01 -18.96 2.87
N SER B 154 -2.28 -20.20 3.24
CA SER B 154 -3.36 -20.93 2.60
C SER B 154 -4.15 -21.53 3.76
N TRP B 155 -5.29 -22.12 3.45
CA TRP B 155 -6.12 -22.74 4.46
C TRP B 155 -6.42 -24.17 4.07
N ASN B 156 -6.30 -25.07 5.04
CA ASN B 156 -6.53 -26.49 4.80
C ASN B 156 -5.82 -26.96 3.54
N SER B 157 -4.54 -26.60 3.44
CA SER B 157 -3.70 -26.96 2.32
C SER B 157 -4.25 -26.56 0.95
N GLY B 158 -4.99 -25.45 0.92
CA GLY B 158 -5.54 -24.98 -0.33
C GLY B 158 -6.96 -25.39 -0.64
N ALA B 159 -7.50 -26.34 0.11
CA ALA B 159 -8.87 -26.79 -0.13
C ALA B 159 -9.87 -25.71 0.22
N LEU B 160 -9.50 -24.81 1.12
CA LEU B 160 -10.40 -23.74 1.53
C LEU B 160 -9.94 -22.39 0.98
N THR B 161 -10.71 -21.85 0.05
CA THR B 161 -10.37 -20.57 -0.58
C THR B 161 -11.51 -19.56 -0.51
N SER B 162 -12.74 -20.05 -0.47
CA SER B 162 -13.89 -19.14 -0.42
C SER B 162 -13.95 -18.38 0.89
N GLY B 163 -14.14 -17.08 0.78
CA GLY B 163 -14.25 -16.25 1.98
C GLY B 163 -12.93 -15.94 2.67
N VAL B 164 -11.82 -16.36 2.05
CA VAL B 164 -10.51 -16.07 2.63
C VAL B 164 -10.02 -14.68 2.27
N HIS B 165 -9.52 -13.94 3.26
CA HIS B 165 -8.98 -12.62 3.02
C HIS B 165 -7.64 -12.56 3.75
N THR B 166 -6.56 -12.44 2.99
CA THR B 166 -5.23 -12.35 3.57
C THR B 166 -4.78 -10.92 3.33
N PHE B 167 -4.64 -10.17 4.42
CA PHE B 167 -4.27 -8.76 4.38
C PHE B 167 -2.83 -8.48 4.01
N PRO B 168 -2.57 -7.29 3.43
CA PRO B 168 -1.23 -6.88 3.04
C PRO B 168 -0.36 -6.82 4.30
N ALA B 169 0.91 -7.15 4.16
CA ALA B 169 1.81 -7.11 5.30
C ALA B 169 2.08 -5.67 5.70
N VAL B 170 2.02 -5.40 7.00
CA VAL B 170 2.27 -4.05 7.51
C VAL B 170 3.58 -4.05 8.30
N LEU B 171 4.15 -2.87 8.48
CA LEU B 171 5.40 -2.77 9.21
C LEU B 171 5.12 -2.24 10.62
N GLN B 172 5.75 -2.87 11.61
CA GLN B 172 5.56 -2.47 12.99
C GLN B 172 6.78 -1.65 13.41
N SER B 173 6.70 -1.06 14.60
CA SER B 173 7.82 -0.27 15.11
C SER B 173 8.90 -1.18 15.68
N SER B 174 9.31 -2.17 14.88
CA SER B 174 10.33 -3.11 15.29
C SER B 174 11.21 -3.51 14.11
N GLY B 175 10.70 -3.26 12.90
CA GLY B 175 11.45 -3.60 11.71
C GLY B 175 11.04 -4.98 11.22
N LEU B 176 10.04 -5.56 11.87
CA LEU B 176 9.53 -6.87 11.50
C LEU B 176 8.14 -6.73 10.90
N TYR B 177 7.80 -7.59 9.96
CA TYR B 177 6.50 -7.56 9.30
C TYR B 177 5.43 -8.35 10.06
N SER B 178 4.17 -8.02 9.80
CA SER B 178 3.03 -8.69 10.44
C SER B 178 1.77 -8.55 9.58
N LEU B 179 0.92 -9.56 9.63
CA LEU B 179 -0.33 -9.54 8.88
C LEU B 179 -1.26 -10.62 9.38
N SER B 180 -2.54 -10.50 9.02
CA SER B 180 -3.52 -11.49 9.43
C SER B 180 -4.21 -12.07 8.20
N SER B 181 -4.67 -13.31 8.33
CA SER B 181 -5.40 -13.97 7.28
C SER B 181 -6.66 -14.47 7.97
N VAL B 182 -7.81 -14.11 7.42
CA VAL B 182 -9.07 -14.52 8.01
C VAL B 182 -9.93 -15.25 7.00
N VAL B 183 -10.97 -15.90 7.51
CA VAL B 183 -11.90 -16.64 6.68
C VAL B 183 -13.21 -16.76 7.44
N THR B 184 -14.32 -16.62 6.73
CA THR B 184 -15.62 -16.75 7.36
C THR B 184 -16.15 -18.11 6.96
N VAL B 185 -16.71 -18.84 7.92
CA VAL B 185 -17.24 -20.17 7.66
C VAL B 185 -18.58 -20.38 8.38
N PRO B 186 -19.32 -21.44 8.00
CA PRO B 186 -20.61 -21.72 8.62
C PRO B 186 -20.46 -21.93 10.14
N SER B 187 -21.20 -21.15 10.91
CA SER B 187 -21.14 -21.23 12.37
C SER B 187 -21.54 -22.61 12.88
N SER B 188 -21.95 -23.49 11.98
CA SER B 188 -22.37 -24.84 12.34
C SER B 188 -21.24 -25.85 12.19
N SER B 189 -20.20 -25.46 11.46
CA SER B 189 -19.05 -26.34 11.23
C SER B 189 -18.07 -26.32 12.39
N LEU B 190 -18.10 -25.24 13.18
CA LEU B 190 -17.21 -25.11 14.32
C LEU B 190 -17.27 -26.34 15.23
N GLY B 191 -16.11 -26.82 15.65
CA GLY B 191 -16.07 -27.98 16.51
C GLY B 191 -16.05 -29.29 15.75
N THR B 192 -16.68 -29.30 14.57
CA THR B 192 -16.71 -30.50 13.74
C THR B 192 -15.72 -30.41 12.59
N GLN B 193 -15.67 -29.26 11.93
CA GLN B 193 -14.76 -29.04 10.81
C GLN B 193 -13.45 -28.44 11.31
N THR B 194 -12.33 -29.01 10.86
CA THR B 194 -11.02 -28.52 11.27
C THR B 194 -10.53 -27.42 10.32
N TYR B 195 -9.96 -26.37 10.88
CA TYR B 195 -9.44 -25.26 10.10
C TYR B 195 -7.98 -25.05 10.44
N ILE B 196 -7.13 -25.17 9.43
CA ILE B 196 -5.69 -25.03 9.63
C ILE B 196 -5.09 -24.03 8.64
N CYS B 197 -4.35 -23.04 9.14
CA CYS B 197 -3.72 -22.10 8.23
C CYS B 197 -2.31 -22.59 7.99
N ASN B 198 -1.89 -22.55 6.73
CA ASN B 198 -0.56 -22.99 6.34
C ASN B 198 0.24 -21.75 5.99
N VAL B 199 1.25 -21.45 6.79
CA VAL B 199 2.06 -20.27 6.59
C VAL B 199 3.45 -20.69 6.12
N ASN B 200 3.90 -20.10 5.02
CA ASN B 200 5.21 -20.43 4.48
C ASN B 200 6.04 -19.17 4.33
N HIS B 201 7.26 -19.22 4.84
CA HIS B 201 8.19 -18.11 4.78
C HIS B 201 9.49 -18.60 4.14
N LYS B 202 9.48 -18.67 2.82
CA LYS B 202 10.62 -19.14 2.04
C LYS B 202 11.98 -18.58 2.50
N PRO B 203 12.05 -17.28 2.81
CA PRO B 203 13.31 -16.67 3.25
C PRO B 203 14.04 -17.43 4.36
N SER B 204 13.30 -17.93 5.34
CA SER B 204 13.91 -18.67 6.44
C SER B 204 13.68 -20.17 6.31
N ASN B 205 13.10 -20.59 5.19
CA ASN B 205 12.80 -22.00 4.97
C ASN B 205 11.98 -22.47 6.15
N THR B 206 11.04 -21.62 6.56
CA THR B 206 10.16 -21.92 7.68
C THR B 206 8.73 -22.04 7.22
N LYS B 207 8.05 -23.06 7.72
CA LYS B 207 6.65 -23.28 7.38
C LYS B 207 5.95 -23.62 8.69
N VAL B 208 4.71 -23.16 8.82
CA VAL B 208 3.94 -23.42 10.02
C VAL B 208 2.51 -23.84 9.67
N ASP B 209 2.01 -24.83 10.38
CA ASP B 209 0.63 -25.27 10.19
C ASP B 209 0.04 -25.07 11.58
N LYS B 210 -1.06 -24.32 11.65
CA LYS B 210 -1.69 -24.03 12.92
C LYS B 210 -3.19 -24.28 12.87
N LYS B 211 -3.68 -25.14 13.74
CA LYS B 211 -5.11 -25.43 13.78
C LYS B 211 -5.77 -24.33 14.60
N VAL B 212 -6.80 -23.72 14.04
CA VAL B 212 -7.51 -22.65 14.73
C VAL B 212 -8.87 -23.18 15.17
N GLU B 213 -9.08 -23.24 16.47
CA GLU B 213 -10.32 -23.76 17.01
C GLU B 213 -10.87 -22.89 18.13
N PRO B 214 -12.12 -23.13 18.53
CA PRO B 214 -12.71 -22.34 19.62
C PRO B 214 -11.83 -22.47 20.85
N LYS B 215 -11.69 -21.39 21.63
CA LYS B 215 -10.89 -21.45 22.83
C LYS B 215 -11.75 -22.09 23.92
N SER B 216 -11.10 -22.78 24.86
CA SER B 216 -11.83 -23.43 25.95
C SER B 216 -12.23 -22.44 27.04
C1 MMP C . 7.75 18.50 -23.92
N1 MMP C . 8.36 17.07 -24.09
C11 MMP C . 8.85 16.68 -25.38
C12 MMP C . 8.38 15.33 -25.71
C13 MMP C . 7.61 14.88 -24.63
C14 MMP C . 7.59 15.94 -23.63
C15 MMP C . 6.90 15.86 -22.34
C16 MMP C . 8.70 14.54 -27.02
C17 MMP C . 6.91 13.51 -24.48
C18 MMP C . 5.95 13.09 -25.28
N2 MMP C . 8.80 16.87 -21.08
C21 MMP C . 7.60 16.17 -21.12
C22 MMP C . 7.21 15.81 -19.76
C23 MMP C . 8.20 16.32 -18.90
C24 MMP C . 9.19 16.98 -19.76
C25 MMP C . 10.38 17.65 -19.31
C26 MMP C . 5.94 15.02 -19.34
C27 MMP C . 8.25 16.20 -17.38
C28 MMP C . 8.92 15.21 -16.78
N3 MMP C . 11.41 18.41 -21.45
C31 MMP C . 11.40 18.30 -20.07
C32 MMP C . 12.57 18.99 -19.51
C33 MMP C . 13.30 19.50 -20.59
C34 MMP C . 12.55 19.12 -21.81
C35 MMP C . 12.91 19.44 -23.15
C36 MMP C . 12.94 19.11 -18.01
C37 MMP C . 14.66 20.32 -20.54
C38 MMP C . 15.93 19.41 -20.68
C39 MMP C . 16.83 19.81 -21.84
O31 MMP C . 16.84 19.05 -22.99
O32 MMP C . 17.63 20.92 -21.75
N4 MMP C . 11.15 18.30 -24.49
C41 MMP C . 12.27 19.08 -24.38
C42 MMP C . 12.72 19.50 -25.73
C43 MMP C . 11.80 18.92 -26.64
C44 MMP C . 10.82 18.17 -25.85
C45 MMP C . 9.69 17.40 -26.33
C46 MMP C . 11.82 19.07 -28.20
C47 MMP C . 13.97 20.41 -26.09
C48 MMP C . 15.30 19.59 -26.21
C49 MMP C . 16.06 19.86 -27.51
O41 MMP C . 17.09 20.78 -27.53
O42 MMP C . 15.72 19.19 -28.65
#